data_3Q5T
#
_entry.id   3Q5T
#
_cell.length_a   53.290
_cell.length_b   69.829
_cell.length_c   126.953
_cell.angle_alpha   90.00
_cell.angle_beta   90.00
_cell.angle_gamma   90.00
#
_symmetry.space_group_name_H-M   'C 2 2 21'
#
loop_
_entity.id
_entity.type
_entity.pdbx_description
1 polymer 'TCR N30 beta'
2 water water
#
_entity_poly.entity_id   1
_entity_poly.type   'polypeptide(L)'
_entity_poly.pdbx_seq_one_letter_code
;MEAGVTQSPRYAVLQEGQSVSFWCDPISGHDTLYWYQQPRDQGPQLLVYFRDEAVIDNSQLPSDRFSAVRPKGTNSTLKI
QSAKQGDTATYLCASSSGVGTEVFFGKGTRLTVVEDLRNVTPPKVSLFEPSKAEIANKQKATLVCLARGFFPDHVELSWW
VNGKEVHSGVSTDPQAYKESNYSYSLSSRLRVSATFWHNPRNHFRCQVQFHGLSEEDKWPEGSPKPVTQNISAEAWGRAD
S
;
_entity_poly.pdbx_strand_id   A
#
# COMPACT_ATOMS: atom_id res chain seq x y z
N ALA A 3 13.98 7.55 -4.48
CA ALA A 3 13.21 8.29 -5.48
C ALA A 3 13.14 9.77 -5.12
N GLY A 4 13.57 10.09 -3.90
CA GLY A 4 13.45 11.42 -3.34
C GLY A 4 13.23 11.27 -1.85
N VAL A 5 12.09 11.72 -1.35
CA VAL A 5 11.72 11.42 0.02
C VAL A 5 11.36 9.95 0.10
N THR A 6 11.93 9.25 1.07
CA THR A 6 11.62 7.85 1.25
C THR A 6 11.11 7.59 2.66
N GLN A 7 10.05 6.78 2.76
CA GLN A 7 9.42 6.48 4.04
C GLN A 7 9.32 4.98 4.27
N SER A 8 9.41 4.57 5.53
CA SER A 8 9.24 3.17 5.88
C SER A 8 8.42 3.06 7.16
N PRO A 9 7.52 2.08 7.21
CA PRO A 9 7.29 1.17 6.09
C PRO A 9 6.35 1.77 5.04
N ARG A 10 5.85 0.97 4.11
CA ARG A 10 4.88 1.51 3.16
C ARG A 10 3.45 1.35 3.69
N TYR A 11 3.26 0.29 4.50
CA TYR A 11 1.98 -0.11 5.07
C TYR A 11 2.20 -0.61 6.49
N ALA A 12 1.20 -0.39 7.34
CA ALA A 12 1.23 -0.93 8.68
C ALA A 12 -0.18 -1.17 9.20
N VAL A 13 -0.37 -2.30 9.87
CA VAL A 13 -1.63 -2.60 10.51
C VAL A 13 -1.37 -2.86 12.00
N LEU A 14 -2.08 -2.13 12.85
CA LEU A 14 -1.93 -2.27 14.29
C LEU A 14 -3.29 -2.53 14.88
N GLN A 15 -3.30 -3.05 16.10
CA GLN A 15 -4.51 -3.15 16.86
C GLN A 15 -4.59 -1.95 17.79
N GLU A 16 -5.80 -1.52 18.13
CA GLU A 16 -5.98 -0.43 19.07
C GLU A 16 -5.06 -0.61 20.26
N GLY A 17 -4.35 0.46 20.62
CA GLY A 17 -3.55 0.44 21.84
C GLY A 17 -2.05 0.23 21.60
N GLN A 18 -1.70 -0.24 20.41
CA GLN A 18 -0.30 -0.44 20.08
C GLN A 18 0.34 0.87 19.63
N SER A 19 1.64 0.82 19.35
CA SER A 19 2.34 1.97 18.87
C SER A 19 3.08 1.63 17.59
N VAL A 20 3.22 2.64 16.73
CA VAL A 20 4.02 2.50 15.52
C VAL A 20 4.94 3.70 15.39
N SER A 21 6.15 3.44 14.95
CA SER A 21 7.04 4.52 14.57
C SER A 21 7.18 4.54 13.03
N PHE A 22 6.83 5.68 12.42
CA PHE A 22 7.03 5.91 11.00
C PHE A 22 8.38 6.52 10.82
N TRP A 23 9.05 6.15 9.74
CA TRP A 23 10.41 6.60 9.54
C TRP A 23 10.55 7.23 8.18
N CYS A 24 11.14 8.42 8.18
CA CYS A 24 11.30 9.16 6.94
C CYS A 24 12.74 9.61 6.72
N ASP A 25 13.10 9.79 5.46
CA ASP A 25 14.46 10.12 5.08
C ASP A 25 14.40 11.11 3.94
N PRO A 26 14.58 12.40 4.25
CA PRO A 26 14.41 13.52 3.32
C PRO A 26 15.38 13.42 2.15
N ILE A 27 15.24 14.32 1.18
CA ILE A 27 16.22 14.38 0.10
C ILE A 27 17.62 14.53 0.71
N SER A 28 18.55 13.68 0.26
CA SER A 28 19.91 13.65 0.80
C SER A 28 20.43 15.03 1.19
N GLY A 29 20.06 16.03 0.40
CA GLY A 29 20.31 17.40 0.78
C GLY A 29 18.98 18.11 0.98
N HIS A 30 18.63 18.38 2.24
CA HIS A 30 17.42 19.14 2.53
C HIS A 30 17.35 19.69 3.94
N ASP A 31 16.57 20.76 4.07
CA ASP A 31 16.64 21.64 5.24
C ASP A 31 15.40 21.52 6.12
N THR A 32 14.24 21.72 5.49
CA THR A 32 12.96 21.61 6.17
C THR A 32 12.38 20.20 5.98
N LEU A 33 11.71 19.68 7.00
CA LEU A 33 11.02 18.40 6.90
C LEU A 33 9.68 18.48 7.60
N TYR A 34 8.63 18.07 6.87
CA TYR A 34 7.25 18.09 7.33
C TYR A 34 6.66 16.67 7.46
N TRP A 35 5.84 16.46 8.48
CA TRP A 35 5.05 15.24 8.58
C TRP A 35 3.60 15.71 8.50
N TYR A 36 2.79 14.98 7.75
CA TYR A 36 1.39 15.31 7.59
C TYR A 36 0.57 14.06 7.87
N GLN A 37 -0.64 14.27 8.35
CA GLN A 37 -1.58 13.20 8.47
C GLN A 37 -2.71 13.45 7.47
N GLN A 38 -2.97 12.47 6.61
CA GLN A 38 -4.08 12.59 5.67
C GLN A 38 -5.05 11.42 5.76
N PRO A 39 -6.15 11.62 6.47
CA PRO A 39 -7.29 10.69 6.56
C PRO A 39 -7.84 10.38 5.18
N ARG A 40 -8.40 9.19 5.01
CA ARG A 40 -8.87 8.71 3.70
C ARG A 40 -9.54 9.77 2.81
N ASP A 41 -10.71 10.24 3.23
CA ASP A 41 -11.48 11.14 2.35
C ASP A 41 -11.30 12.61 2.72
N GLN A 42 -10.16 12.93 3.34
CA GLN A 42 -9.92 14.29 3.82
C GLN A 42 -8.56 14.82 3.40
N GLY A 43 -8.31 16.09 3.73
CA GLY A 43 -7.08 16.75 3.36
C GLY A 43 -5.97 16.59 4.39
N PRO A 44 -4.74 17.00 4.02
CA PRO A 44 -3.55 16.78 4.83
C PRO A 44 -3.46 17.77 5.98
N GLN A 45 -3.20 17.27 7.19
CA GLN A 45 -3.01 18.14 8.34
C GLN A 45 -1.56 18.05 8.78
N LEU A 46 -0.93 19.21 8.91
CA LEU A 46 0.46 19.29 9.35
C LEU A 46 0.56 18.81 10.80
N LEU A 47 1.39 17.79 11.02
CA LEU A 47 1.65 17.30 12.36
C LEU A 47 2.77 18.10 13.00
N VAL A 48 3.84 18.30 12.25
CA VAL A 48 5.03 18.96 12.78
C VAL A 48 6.06 19.19 11.67
N TYR A 49 6.89 20.21 11.84
CA TYR A 49 8.01 20.40 10.92
C TYR A 49 9.30 20.82 11.60
N PHE A 50 10.42 20.39 11.02
CA PHE A 50 11.73 20.60 11.58
C PHE A 50 12.55 21.48 10.67
N ARG A 51 13.50 22.19 11.22
CA ARG A 51 14.61 22.68 10.45
C ARG A 51 15.88 22.07 11.02
N ASP A 52 16.69 21.49 10.16
CA ASP A 52 17.87 20.74 10.58
C ASP A 52 17.52 19.67 11.63
N GLU A 53 17.62 19.97 12.92
CA GLU A 53 17.26 18.96 13.93
C GLU A 53 16.31 19.47 15.00
N ALA A 54 15.72 20.63 14.79
CA ALA A 54 14.87 21.24 15.81
C ALA A 54 13.44 21.38 15.33
N VAL A 55 12.50 21.00 16.18
CA VAL A 55 11.11 21.27 15.91
C VAL A 55 10.99 22.77 15.79
N ILE A 56 10.34 23.22 14.73
CA ILE A 56 10.06 24.63 14.57
C ILE A 56 8.73 24.93 15.23
N ASP A 57 7.70 24.22 14.81
CA ASP A 57 6.37 24.40 15.36
C ASP A 57 5.84 23.06 15.87
N ASN A 58 5.50 23.04 17.14
CA ASN A 58 5.20 21.81 17.86
C ASN A 58 3.72 21.70 18.18
N SER A 59 3.13 22.83 18.58
CA SER A 59 1.73 22.94 18.94
C SER A 59 0.85 22.32 17.87
N GLN A 60 1.45 22.02 16.72
CA GLN A 60 0.75 21.33 15.66
C GLN A 60 0.29 19.94 16.07
N LEU A 61 1.17 19.18 16.72
CA LEU A 61 0.84 17.82 17.14
C LEU A 61 -0.52 17.80 17.83
N PRO A 62 -1.45 16.98 17.30
CA PRO A 62 -2.86 16.96 17.69
C PRO A 62 -3.05 16.48 19.13
N SER A 63 -2.10 15.69 19.63
CA SER A 63 -2.15 15.21 21.00
C SER A 63 -0.78 14.68 21.44
N ASP A 64 -0.73 14.19 22.69
CA ASP A 64 0.48 13.69 23.34
C ASP A 64 0.78 12.22 23.02
N ARG A 65 -0.06 11.60 22.21
CA ARG A 65 0.26 10.28 21.72
C ARG A 65 1.31 10.30 20.61
N PHE A 66 1.60 11.50 20.09
CA PHE A 66 2.53 11.70 18.96
C PHE A 66 3.86 12.33 19.35
N SER A 67 4.95 11.78 18.82
CA SER A 67 6.24 12.42 18.98
C SER A 67 6.99 12.34 17.66
N ALA A 68 7.91 13.26 17.46
CA ALA A 68 8.78 13.23 16.30
C ALA A 68 10.15 13.75 16.70
N VAL A 69 11.17 13.17 16.08
CA VAL A 69 12.52 13.45 16.46
C VAL A 69 13.29 13.37 15.17
N ARG A 70 14.45 14.00 15.16
CA ARG A 70 15.27 14.11 13.96
C ARG A 70 16.66 14.42 14.50
N PRO A 71 17.12 13.55 15.39
CA PRO A 71 18.17 13.82 16.38
C PRO A 71 19.47 14.33 15.76
N LYS A 72 19.74 13.94 14.53
CA LYS A 72 20.96 14.38 13.86
C LYS A 72 20.65 15.29 12.68
N GLY A 73 19.38 15.56 12.45
CA GLY A 73 18.97 16.52 11.44
C GLY A 73 18.68 15.94 10.07
N THR A 74 18.77 14.62 9.95
CA THR A 74 18.47 13.96 8.69
C THR A 74 17.20 13.12 8.80
N ASN A 75 17.39 11.83 9.11
CA ASN A 75 16.27 10.93 9.31
C ASN A 75 15.36 11.43 10.40
N SER A 76 14.06 11.26 10.19
CA SER A 76 13.08 11.61 11.18
C SER A 76 12.20 10.41 11.53
N THR A 77 11.70 10.38 12.75
CA THR A 77 10.78 9.33 13.12
C THR A 77 9.61 9.92 13.88
N LEU A 78 8.43 9.62 13.39
CA LEU A 78 7.20 10.05 13.99
C LEU A 78 6.58 8.85 14.67
N LYS A 79 6.38 8.94 15.99
CA LYS A 79 5.81 7.82 16.73
C LYS A 79 4.41 8.13 17.22
N ILE A 80 3.54 7.12 17.12
CA ILE A 80 2.22 7.12 17.73
C ILE A 80 2.14 6.05 18.82
N GLN A 81 1.79 6.43 20.06
CA GLN A 81 1.49 5.42 21.05
C GLN A 81 -0.01 5.31 21.16
N SER A 82 -0.47 4.13 21.54
CA SER A 82 -1.84 3.96 22.02
C SER A 82 -2.81 4.19 20.88
N ALA A 83 -2.49 3.60 19.73
CA ALA A 83 -3.23 3.87 18.52
C ALA A 83 -4.73 3.82 18.74
N LYS A 84 -5.44 4.72 18.08
CA LYS A 84 -6.89 4.63 17.96
C LYS A 84 -7.25 4.36 16.51
N GLN A 85 -8.42 3.77 16.27
CA GLN A 85 -8.93 3.67 14.91
C GLN A 85 -8.87 5.06 14.29
N GLY A 86 -9.00 6.07 15.14
CA GLY A 86 -8.95 7.45 14.72
C GLY A 86 -7.65 7.85 14.06
N ASP A 87 -6.59 7.11 14.35
CA ASP A 87 -5.29 7.34 13.72
C ASP A 87 -5.18 6.76 12.30
N THR A 88 -6.16 5.95 11.89
CA THR A 88 -6.10 5.35 10.56
C THR A 88 -5.96 6.47 9.51
N ALA A 89 -4.88 6.42 8.73
CA ALA A 89 -4.61 7.46 7.74
C ALA A 89 -3.30 7.23 7.00
N THR A 90 -3.05 8.05 5.98
CA THR A 90 -1.77 8.02 5.30
C THR A 90 -0.92 9.09 5.93
N TYR A 91 0.28 8.72 6.34
CA TYR A 91 1.23 9.65 6.93
C TYR A 91 2.24 10.01 5.87
N LEU A 92 2.28 11.30 5.57
CA LEU A 92 3.05 11.84 4.47
C LEU A 92 4.25 12.59 5.01
N CYS A 93 5.43 12.28 4.49
CA CYS A 93 6.62 13.05 4.76
C CYS A 93 6.83 13.97 3.57
N ALA A 94 7.33 15.17 3.82
CA ALA A 94 7.73 16.07 2.75
C ALA A 94 8.98 16.85 3.15
N SER A 95 9.69 17.39 2.16
CA SER A 95 10.89 18.18 2.39
C SER A 95 10.93 19.39 1.47
N SER A 96 11.75 20.37 1.85
CA SER A 96 11.74 21.69 1.25
C SER A 96 13.06 22.40 1.59
N SER A 97 13.39 23.44 0.84
CA SER A 97 14.63 24.20 1.09
C SER A 97 14.41 25.33 2.09
N GLY A 98 13.35 26.09 1.88
CA GLY A 98 12.97 27.17 2.76
C GLY A 98 11.48 27.43 2.63
N VAL A 99 10.87 28.01 3.64
CA VAL A 99 9.42 28.23 3.63
C VAL A 99 8.93 28.79 2.31
N GLY A 100 7.92 28.15 1.73
CA GLY A 100 7.27 28.63 0.53
C GLY A 100 7.95 28.29 -0.79
N THR A 101 9.04 27.52 -0.74
CA THR A 101 9.77 27.15 -1.95
C THR A 101 9.43 25.73 -2.45
N GLU A 102 8.34 25.64 -3.21
CA GLU A 102 7.82 24.38 -3.73
C GLU A 102 8.18 23.13 -2.92
N VAL A 103 7.17 22.55 -2.27
CA VAL A 103 7.35 21.39 -1.40
C VAL A 103 7.51 20.09 -2.20
N PHE A 104 8.27 19.14 -1.65
CA PHE A 104 8.48 17.84 -2.29
C PHE A 104 7.98 16.69 -1.39
N PHE A 105 7.05 15.90 -1.91
CA PHE A 105 6.28 14.93 -1.12
C PHE A 105 6.70 13.46 -1.27
N GLY A 106 6.68 12.73 -0.16
CA GLY A 106 6.92 11.30 -0.15
C GLY A 106 5.77 10.51 -0.73
N LYS A 107 5.87 9.18 -0.74
CA LYS A 107 4.76 8.36 -1.24
C LYS A 107 3.77 8.11 -0.12
N GLY A 108 4.22 8.31 1.12
CA GLY A 108 3.36 8.10 2.27
C GLY A 108 3.52 6.76 2.95
N THR A 109 3.09 6.70 4.20
CA THR A 109 2.96 5.43 4.89
C THR A 109 1.50 5.25 5.24
N ARG A 110 0.88 4.21 4.71
CA ARG A 110 -0.50 3.92 5.01
C ARG A 110 -0.69 3.15 6.33
N LEU A 111 -1.49 3.71 7.23
CA LEU A 111 -1.72 3.10 8.56
C LEU A 111 -3.18 2.76 8.75
N THR A 112 -3.43 1.53 9.14
CA THR A 112 -4.76 1.13 9.55
C THR A 112 -4.66 0.57 10.98
N VAL A 113 -5.45 1.12 11.88
CA VAL A 113 -5.57 0.55 13.23
C VAL A 113 -6.90 -0.17 13.43
N VAL A 114 -6.83 -1.46 13.75
CA VAL A 114 -8.05 -2.27 13.89
C VAL A 114 -8.39 -2.59 15.35
N GLU A 115 -9.61 -3.08 15.59
CA GLU A 115 -10.02 -3.49 16.93
C GLU A 115 -9.33 -4.78 17.33
N ASP A 116 -9.01 -5.63 16.37
CA ASP A 116 -8.38 -6.91 16.69
C ASP A 116 -7.61 -7.47 15.51
N LEU A 117 -6.32 -7.75 15.74
CA LEU A 117 -5.45 -8.31 14.72
C LEU A 117 -5.86 -9.70 14.24
N ARG A 118 -6.67 -10.39 15.03
CA ARG A 118 -7.18 -11.71 14.64
C ARG A 118 -7.94 -11.63 13.34
N ASN A 119 -8.47 -10.44 13.03
CA ASN A 119 -9.29 -10.22 11.85
C ASN A 119 -8.49 -10.07 10.56
N VAL A 120 -7.20 -9.76 10.70
CA VAL A 120 -6.34 -9.63 9.54
C VAL A 120 -6.23 -10.94 8.77
N THR A 121 -6.52 -10.89 7.48
CA THR A 121 -6.53 -12.08 6.64
C THR A 121 -6.20 -11.77 5.18
N PRO A 122 -5.32 -12.58 4.58
CA PRO A 122 -4.81 -12.38 3.21
C PRO A 122 -5.90 -12.62 2.17
N PRO A 123 -5.67 -12.21 0.92
CA PRO A 123 -6.71 -12.46 -0.10
C PRO A 123 -6.71 -13.87 -0.67
N LYS A 124 -7.84 -14.25 -1.23
CA LYS A 124 -7.86 -15.41 -2.12
C LYS A 124 -7.99 -14.85 -3.52
N VAL A 125 -7.11 -15.30 -4.41
CA VAL A 125 -6.91 -14.66 -5.69
C VAL A 125 -7.29 -15.58 -6.87
N SER A 126 -8.11 -15.06 -7.79
CA SER A 126 -8.58 -15.86 -8.92
C SER A 126 -8.42 -15.16 -10.28
N LEU A 127 -7.90 -15.90 -11.26
CA LEU A 127 -7.71 -15.41 -12.62
C LEU A 127 -8.75 -15.97 -13.59
N PHE A 128 -9.46 -15.09 -14.29
CA PHE A 128 -10.47 -15.52 -15.26
C PHE A 128 -9.97 -15.32 -16.69
N GLU A 129 -10.13 -16.34 -17.53
CA GLU A 129 -9.58 -16.35 -18.89
C GLU A 129 -10.41 -15.56 -19.92
N PRO A 130 -9.78 -15.13 -21.02
CA PRO A 130 -10.51 -14.38 -22.06
C PRO A 130 -11.56 -15.23 -22.78
N SER A 131 -12.55 -14.55 -23.35
CA SER A 131 -13.57 -15.22 -24.16
C SER A 131 -13.05 -15.47 -25.58
N LYS A 132 -13.56 -16.53 -26.21
CA LYS A 132 -13.23 -16.81 -27.60
C LYS A 132 -13.75 -15.70 -28.52
N ALA A 133 -14.90 -15.13 -28.17
CA ALA A 133 -15.53 -14.08 -28.95
C ALA A 133 -14.69 -12.79 -29.03
N GLU A 134 -14.06 -12.42 -27.93
CA GLU A 134 -13.19 -11.24 -27.93
C GLU A 134 -12.04 -11.50 -28.90
N ILE A 135 -11.30 -12.58 -28.66
CA ILE A 135 -10.15 -12.95 -29.46
C ILE A 135 -10.38 -12.87 -30.97
N ALA A 136 -11.51 -13.41 -31.43
CA ALA A 136 -11.79 -13.52 -32.85
C ALA A 136 -12.31 -12.21 -33.41
N ASN A 137 -13.14 -11.54 -32.65
CA ASN A 137 -13.77 -10.30 -33.12
C ASN A 137 -12.90 -9.05 -32.93
N LYS A 138 -12.19 -8.99 -31.81
CA LYS A 138 -11.36 -7.86 -31.44
C LYS A 138 -9.86 -8.13 -31.64
N GLN A 139 -9.50 -9.39 -31.87
CA GLN A 139 -8.10 -9.78 -31.97
C GLN A 139 -7.35 -9.34 -30.72
N LYS A 140 -8.08 -9.21 -29.62
CA LYS A 140 -7.49 -8.93 -28.32
C LYS A 140 -8.04 -9.91 -27.28
N ALA A 141 -7.30 -10.10 -26.20
CA ALA A 141 -7.69 -11.01 -25.13
C ALA A 141 -7.50 -10.36 -23.74
N THR A 142 -8.58 -10.31 -22.97
CA THR A 142 -8.59 -9.61 -21.70
C THR A 142 -8.70 -10.58 -20.52
N LEU A 143 -7.68 -10.60 -19.65
CA LEU A 143 -7.71 -11.45 -18.46
C LEU A 143 -8.28 -10.69 -17.25
N VAL A 144 -9.03 -11.39 -16.41
CA VAL A 144 -9.60 -10.77 -15.22
C VAL A 144 -9.03 -11.35 -13.93
N CYS A 145 -8.48 -10.46 -13.10
CA CYS A 145 -8.00 -10.91 -11.80
C CYS A 145 -8.97 -10.49 -10.68
N LEU A 146 -9.35 -11.45 -9.84
CA LEU A 146 -10.22 -11.18 -8.70
C LEU A 146 -9.54 -11.50 -7.37
N ALA A 147 -9.53 -10.53 -6.47
CA ALA A 147 -9.02 -10.77 -5.13
C ALA A 147 -10.11 -10.46 -4.11
N ARG A 148 -10.28 -11.31 -3.12
CA ARG A 148 -11.31 -11.06 -2.14
C ARG A 148 -11.01 -11.76 -0.81
N GLY A 149 -11.82 -11.45 0.19
CA GLY A 149 -11.70 -12.07 1.49
C GLY A 149 -10.57 -11.51 2.34
N PHE A 150 -9.93 -10.46 1.86
CA PHE A 150 -8.80 -9.89 2.60
C PHE A 150 -9.19 -8.77 3.56
N PHE A 151 -8.29 -8.46 4.46
CA PHE A 151 -8.49 -7.44 5.49
C PHE A 151 -7.16 -7.21 6.19
N PRO A 152 -6.79 -5.95 6.39
CA PRO A 152 -7.56 -4.82 5.87
C PRO A 152 -7.20 -4.57 4.42
N ASP A 153 -7.45 -3.33 4.02
CA ASP A 153 -7.35 -2.85 2.64
C ASP A 153 -5.91 -2.62 2.15
N HIS A 154 -4.96 -3.47 2.55
CA HIS A 154 -3.56 -3.22 2.25
C HIS A 154 -2.99 -4.14 1.18
N VAL A 155 -3.48 -3.98 -0.04
CA VAL A 155 -3.06 -4.83 -1.15
C VAL A 155 -2.64 -4.02 -2.35
N GLU A 156 -1.69 -4.55 -3.10
CA GLU A 156 -1.25 -3.96 -4.35
C GLU A 156 -1.29 -5.08 -5.38
N LEU A 157 -1.92 -4.82 -6.51
CA LEU A 157 -2.07 -5.85 -7.53
C LEU A 157 -1.19 -5.53 -8.72
N SER A 158 -0.48 -6.52 -9.24
CA SER A 158 0.34 -6.29 -10.45
C SER A 158 0.21 -7.45 -11.42
N TRP A 159 0.58 -7.20 -12.66
CA TRP A 159 0.51 -8.21 -13.72
C TRP A 159 1.89 -8.57 -14.23
N TRP A 160 2.12 -9.86 -14.45
CA TRP A 160 3.39 -10.38 -14.95
C TRP A 160 3.21 -11.27 -16.17
N VAL A 161 3.96 -10.99 -17.23
CA VAL A 161 3.86 -11.76 -18.46
C VAL A 161 5.24 -12.28 -18.75
N ASN A 162 5.38 -13.60 -18.85
CA ASN A 162 6.70 -14.22 -18.91
C ASN A 162 7.71 -13.66 -17.90
N GLY A 163 7.26 -13.48 -16.66
CA GLY A 163 8.17 -13.07 -15.59
C GLY A 163 8.59 -11.61 -15.58
N LYS A 164 8.03 -10.82 -16.50
CA LYS A 164 8.35 -9.40 -16.56
C LYS A 164 7.08 -8.60 -16.29
N GLU A 165 7.16 -7.60 -15.41
CA GLU A 165 5.97 -6.82 -15.07
C GLU A 165 5.50 -6.01 -16.27
N VAL A 166 4.18 -5.83 -16.39
CA VAL A 166 3.62 -5.00 -17.46
C VAL A 166 2.65 -3.98 -16.91
N HIS A 167 2.58 -2.82 -17.55
CA HIS A 167 1.71 -1.74 -17.08
C HIS A 167 0.70 -1.37 -18.15
N SER A 168 1.17 -1.24 -19.38
CA SER A 168 0.28 -0.92 -20.48
C SER A 168 -0.69 -2.07 -20.71
N GLY A 169 -1.97 -1.75 -20.80
CA GLY A 169 -2.99 -2.76 -20.98
C GLY A 169 -3.68 -3.18 -19.68
N VAL A 170 -3.21 -2.61 -18.57
CA VAL A 170 -3.79 -2.90 -17.28
C VAL A 170 -4.88 -1.91 -16.88
N SER A 171 -5.87 -2.39 -16.13
CA SER A 171 -6.87 -1.52 -15.52
C SER A 171 -7.35 -2.13 -14.21
N THR A 172 -6.99 -1.49 -13.11
CA THR A 172 -7.28 -2.01 -11.79
C THR A 172 -8.28 -1.13 -11.06
N ASP A 173 -9.26 -1.73 -10.39
CA ASP A 173 -10.16 -0.92 -9.58
C ASP A 173 -9.30 -0.07 -8.66
N PRO A 174 -9.72 1.20 -8.46
CA PRO A 174 -8.98 2.15 -7.63
C PRO A 174 -9.09 1.79 -6.14
N GLN A 175 -10.27 1.35 -5.73
CA GLN A 175 -10.52 1.04 -4.34
C GLN A 175 -10.97 -0.40 -4.18
N ALA A 176 -10.55 -1.04 -3.09
CA ALA A 176 -11.09 -2.34 -2.73
C ALA A 176 -12.55 -2.15 -2.36
N TYR A 177 -13.34 -3.20 -2.51
CA TYR A 177 -14.76 -3.13 -2.18
C TYR A 177 -15.06 -3.86 -0.86
N LYS A 178 -15.93 -3.26 -0.06
CA LYS A 178 -16.19 -3.78 1.28
C LYS A 178 -17.31 -4.82 1.27
N GLU A 179 -16.96 -6.05 0.94
CA GLU A 179 -17.90 -7.15 0.96
C GLU A 179 -18.53 -7.32 2.35
N SER A 180 -17.78 -6.93 3.39
CA SER A 180 -18.27 -7.09 4.76
C SER A 180 -17.45 -6.30 5.77
N ASN A 181 -17.71 -6.54 7.05
CA ASN A 181 -16.99 -5.88 8.12
C ASN A 181 -15.50 -6.06 7.97
N TYR A 182 -15.08 -7.32 7.92
CA TYR A 182 -13.66 -7.65 7.89
C TYR A 182 -13.32 -8.37 6.61
N SER A 183 -13.81 -7.86 5.48
CA SER A 183 -13.61 -8.51 4.19
C SER A 183 -13.67 -7.55 3.01
N TYR A 184 -12.54 -7.40 2.31
CA TYR A 184 -12.49 -6.61 1.08
C TYR A 184 -12.42 -7.47 -0.19
N SER A 185 -12.55 -6.79 -1.33
CA SER A 185 -12.58 -7.41 -2.65
C SER A 185 -12.02 -6.40 -3.64
N LEU A 186 -11.36 -6.87 -4.68
CA LEU A 186 -10.76 -6.00 -5.68
C LEU A 186 -10.46 -6.77 -6.98
N SER A 187 -10.57 -6.08 -8.11
CA SER A 187 -10.28 -6.72 -9.41
C SER A 187 -9.53 -5.84 -10.40
N SER A 188 -9.04 -6.46 -11.47
CA SER A 188 -8.15 -5.84 -12.44
C SER A 188 -8.22 -6.55 -13.80
N ARG A 189 -8.01 -5.80 -14.88
CA ARG A 189 -7.98 -6.42 -16.21
C ARG A 189 -6.63 -6.21 -16.89
N LEU A 190 -6.13 -7.26 -17.52
CA LEU A 190 -5.00 -7.17 -18.43
C LEU A 190 -5.46 -7.51 -19.85
N ARG A 191 -5.27 -6.59 -20.78
CA ARG A 191 -5.59 -6.84 -22.17
C ARG A 191 -4.31 -7.13 -22.95
N VAL A 192 -4.27 -8.27 -23.65
CA VAL A 192 -3.19 -8.52 -24.60
C VAL A 192 -3.73 -8.91 -25.97
N SER A 193 -2.84 -9.02 -26.94
CA SER A 193 -3.22 -9.36 -28.29
C SER A 193 -3.66 -10.81 -28.42
N ALA A 194 -4.47 -11.07 -29.44
CA ALA A 194 -4.89 -12.41 -29.73
C ALA A 194 -3.67 -13.30 -29.92
N THR A 195 -2.75 -12.90 -30.79
CA THR A 195 -1.62 -13.76 -31.13
C THR A 195 -0.81 -14.11 -29.90
N PHE A 196 -0.80 -13.20 -28.94
CA PHE A 196 0.02 -13.37 -27.75
C PHE A 196 -0.60 -14.40 -26.81
N TRP A 197 -1.91 -14.30 -26.63
CA TRP A 197 -2.63 -15.26 -25.79
C TRP A 197 -2.57 -16.67 -26.40
N HIS A 198 -2.44 -16.74 -27.72
CA HIS A 198 -2.50 -18.02 -28.42
C HIS A 198 -1.18 -18.80 -28.39
N ASN A 199 -0.14 -18.21 -27.83
CA ASN A 199 1.11 -18.92 -27.72
C ASN A 199 1.20 -19.62 -26.38
N PRO A 200 1.22 -20.96 -26.40
CA PRO A 200 1.25 -21.73 -25.15
C PRO A 200 2.63 -21.75 -24.46
N ARG A 201 3.61 -20.98 -24.96
CA ARG A 201 4.84 -20.76 -24.20
C ARG A 201 4.75 -19.44 -23.44
N ASN A 202 3.59 -18.79 -23.54
CA ASN A 202 3.37 -17.53 -22.85
C ASN A 202 2.74 -17.72 -21.47
N HIS A 203 3.32 -17.07 -20.47
CA HIS A 203 2.88 -17.25 -19.10
C HIS A 203 2.33 -15.96 -18.52
N PHE A 204 1.15 -16.04 -17.94
CA PHE A 204 0.48 -14.87 -17.39
C PHE A 204 0.25 -15.05 -15.89
N ARG A 205 0.56 -14.04 -15.09
CA ARG A 205 0.38 -14.15 -13.65
C ARG A 205 -0.22 -12.87 -13.08
N CYS A 206 -1.27 -13.00 -12.28
CA CYS A 206 -1.73 -11.86 -11.49
C CYS A 206 -1.14 -12.00 -10.08
N GLN A 207 -0.51 -10.95 -9.57
CA GLN A 207 0.12 -11.02 -8.26
C GLN A 207 -0.48 -10.00 -7.31
N VAL A 208 -1.00 -10.48 -6.18
CA VAL A 208 -1.48 -9.58 -5.14
C VAL A 208 -0.52 -9.55 -3.95
N GLN A 209 0.10 -8.40 -3.74
CA GLN A 209 0.94 -8.21 -2.56
C GLN A 209 0.07 -7.77 -1.38
N PHE A 210 0.08 -8.55 -0.30
CA PHE A 210 -0.71 -8.25 0.90
C PHE A 210 0.20 -7.79 2.06
N HIS A 211 -0.05 -6.60 2.59
CA HIS A 211 0.72 -6.10 3.74
C HIS A 211 -0.01 -6.44 5.03
N GLY A 212 0.53 -7.39 5.79
CA GLY A 212 -0.18 -7.94 6.93
C GLY A 212 0.64 -7.76 8.20
N LEU A 213 0.69 -8.81 9.01
CA LEU A 213 1.39 -8.76 10.28
C LEU A 213 2.87 -8.89 10.07
N SER A 214 3.63 -8.33 10.98
CA SER A 214 5.07 -8.47 10.98
C SER A 214 5.43 -9.68 11.83
N GLU A 215 6.68 -10.12 11.72
CA GLU A 215 7.16 -11.18 12.59
C GLU A 215 7.02 -10.82 14.07
N GLU A 216 7.18 -9.53 14.39
CA GLU A 216 7.09 -9.10 15.77
C GLU A 216 5.68 -9.13 16.35
N ASP A 217 4.66 -9.11 15.49
CA ASP A 217 3.30 -9.26 15.98
C ASP A 217 3.12 -10.68 16.48
N LYS A 218 2.56 -10.83 17.69
CA LYS A 218 2.33 -12.17 18.21
C LYS A 218 1.01 -12.73 17.66
N TRP A 219 1.06 -13.95 17.16
CA TRP A 219 -0.14 -14.57 16.60
C TRP A 219 -0.70 -15.57 17.58
N PRO A 220 -1.92 -15.31 18.07
CA PRO A 220 -2.54 -16.12 19.13
C PRO A 220 -2.85 -17.49 18.58
N GLU A 221 -2.52 -17.65 17.30
CA GLU A 221 -2.37 -18.97 16.68
C GLU A 221 -3.65 -19.71 16.38
N GLY A 222 -3.46 -21.00 16.12
CA GLY A 222 -4.43 -21.81 15.43
C GLY A 222 -4.13 -21.65 13.96
N SER A 223 -4.80 -20.70 13.33
CA SER A 223 -4.70 -20.43 11.91
C SER A 223 -3.31 -19.99 11.45
N PRO A 224 -3.03 -20.12 10.15
CA PRO A 224 -1.79 -19.56 9.61
C PRO A 224 -1.73 -18.05 9.84
N LYS A 225 -0.64 -17.57 10.43
CA LYS A 225 -0.47 -16.15 10.73
C LYS A 225 -0.51 -15.33 9.44
N PRO A 226 -1.39 -14.31 9.38
CA PRO A 226 -1.58 -13.48 8.18
C PRO A 226 -0.49 -12.41 8.04
N VAL A 227 0.74 -12.87 7.85
CA VAL A 227 1.86 -12.01 7.53
C VAL A 227 1.78 -11.42 6.11
N THR A 228 2.58 -10.38 5.89
CA THR A 228 2.84 -9.87 4.57
C THR A 228 3.20 -11.08 3.70
N GLN A 229 2.62 -11.11 2.51
CA GLN A 229 2.78 -12.26 1.64
C GLN A 229 2.24 -11.92 0.25
N ASN A 230 2.76 -12.60 -0.77
CA ASN A 230 2.30 -12.50 -2.16
C ASN A 230 1.39 -13.66 -2.51
N ILE A 231 0.21 -13.36 -3.01
CA ILE A 231 -0.68 -14.43 -3.45
C ILE A 231 -0.89 -14.21 -4.94
N SER A 232 -0.72 -15.25 -5.73
CA SER A 232 -0.77 -15.13 -7.17
C SER A 232 -1.79 -16.13 -7.79
N ALA A 233 -2.30 -15.78 -8.96
CA ALA A 233 -3.02 -16.73 -9.81
C ALA A 233 -2.45 -16.61 -11.21
N GLU A 234 -2.23 -17.73 -11.89
CA GLU A 234 -1.63 -17.67 -13.21
C GLU A 234 -2.32 -18.58 -14.24
N ALA A 235 -1.95 -18.38 -15.49
CA ALA A 235 -2.47 -19.19 -16.59
C ALA A 235 -1.46 -19.14 -17.73
N TRP A 236 -1.43 -20.19 -18.54
CA TRP A 236 -0.58 -20.21 -19.73
C TRP A 236 -1.44 -19.95 -20.95
N GLY A 237 -0.84 -19.33 -21.96
CA GLY A 237 -1.50 -19.16 -23.23
C GLY A 237 -1.99 -20.50 -23.74
N ARG A 238 -3.04 -20.46 -24.55
CA ARG A 238 -3.63 -21.66 -25.10
C ARG A 238 -3.53 -21.63 -26.61
N ALA A 239 -3.04 -22.72 -27.20
CA ALA A 239 -3.17 -22.91 -28.63
C ALA A 239 -4.66 -23.12 -28.91
N ASP A 240 -5.22 -22.29 -29.78
CA ASP A 240 -6.66 -22.33 -30.06
C ASP A 240 -7.06 -23.60 -30.82
#